data_5VJC
#
_entry.id   5VJC
#
_cell.length_a   53.256
_cell.length_b   80.035
_cell.length_c   146.771
_cell.angle_alpha   90.00
_cell.angle_beta   90.00
_cell.angle_gamma   90.00
#
_symmetry.space_group_name_H-M   'P 21 21 21'
#
loop_
_entity.id
_entity.type
_entity.pdbx_description
1 polymer 'Protein mini spindles'
2 water water
#
_entity_poly.entity_id   1
_entity_poly.type   'polypeptide(L)'
_entity_poly.pdbx_seq_one_letter_code
;DIDTSPLLCANSAKNQRLLDEQKMKVLKWTFVTPREEFTELLRDQMMTANVNKALIANMFHDDFRYHLKVIEQLSEDLAG
NSKALVCNLDLILKWLTLRFYDTNPSVLIKGLEYLVQVFQVLIDEEYILAENEGSSFVPHLLLKIGDPKDAVRNGVRRVL
RQVILVFPFVKVFGYVMEGLKSKNARQRTECLDELTFLIESYGMNICPQSAVREIARQISDRDNSVRNAALNCIVQVFFL
SGEKTYKMIGHLNEKDLSMLDERIKRAKKTK
;
_entity_poly.pdbx_strand_id   A,B
#
# COMPACT_ATOMS: atom_id res chain seq x y z
N SER A 5 -6.44 -5.48 37.74
CA SER A 5 -5.83 -5.00 36.51
C SER A 5 -6.41 -5.71 35.30
N PRO A 6 -7.32 -5.04 34.55
CA PRO A 6 -7.98 -5.73 33.43
C PRO A 6 -6.95 -6.13 32.38
N LEU A 7 -7.23 -7.18 31.60
CA LEU A 7 -6.30 -7.66 30.59
C LEU A 7 -5.95 -6.53 29.62
N LEU A 8 -6.99 -5.85 29.14
CA LEU A 8 -6.83 -4.80 28.16
C LEU A 8 -7.48 -3.54 28.70
N CYS A 9 -6.86 -2.39 28.42
CA CYS A 9 -7.38 -1.14 28.94
C CYS A 9 -8.08 -0.36 27.83
N ALA A 10 -9.34 0.00 28.06
CA ALA A 10 -10.04 0.89 27.13
C ALA A 10 -9.41 2.27 27.23
N ASN A 11 -8.69 2.65 26.19
CA ASN A 11 -8.08 3.95 26.13
C ASN A 11 -8.03 4.34 24.67
N SER A 12 -7.44 5.51 24.38
CA SER A 12 -7.37 5.99 23.01
C SER A 12 -5.95 5.93 22.47
N ALA A 13 -5.13 5.04 23.04
CA ALA A 13 -3.73 4.96 22.64
C ALA A 13 -3.54 4.50 21.19
N LYS A 14 -4.56 3.88 20.61
CA LYS A 14 -4.45 3.44 19.23
C LYS A 14 -4.19 4.62 18.30
N ASN A 15 -4.77 5.77 18.63
CA ASN A 15 -4.53 6.97 17.82
C ASN A 15 -3.04 7.28 17.69
N GLN A 16 -2.32 7.22 18.80
CA GLN A 16 -0.90 7.54 18.75
C GLN A 16 -0.12 6.46 18.00
N ARG A 17 -0.59 5.21 18.10
CA ARG A 17 0.10 4.12 17.42
C ARG A 17 -0.06 4.29 15.91
N LEU A 18 -1.28 4.60 15.47
CA LEU A 18 -1.52 4.82 14.05
C LEU A 18 -0.69 6.01 13.55
N LEU A 19 -0.67 7.10 14.31
CA LEU A 19 0.15 8.27 13.95
C LEU A 19 1.65 7.93 13.90
N ASP A 20 2.13 7.23 14.93
CA ASP A 20 3.52 6.77 14.94
C ASP A 20 3.88 6.05 13.65
N GLU A 21 3.02 5.15 13.18
CA GLU A 21 3.35 4.39 11.98
C GLU A 21 3.32 5.28 10.74
N GLN A 22 2.27 6.09 10.61
CA GLN A 22 2.12 6.97 9.45
C GLN A 22 3.30 7.94 9.37
N LYS A 23 3.72 8.42 10.54
CA LYS A 23 4.79 9.42 10.58
C LYS A 23 6.18 8.80 10.56
N MET A 24 6.27 7.47 10.39
CA MET A 24 7.55 6.76 10.29
C MET A 24 8.35 6.74 11.60
N LYS A 25 7.69 6.85 12.74
CA LYS A 25 8.39 6.81 14.02
C LYS A 25 8.58 5.39 14.54
N VAL A 26 7.82 4.45 13.99
CA VAL A 26 7.97 3.04 14.33
C VAL A 26 7.90 2.24 13.04
N LEU A 27 8.46 1.04 13.08
CA LEU A 27 8.43 0.15 11.92
C LEU A 27 7.02 -0.09 11.43
N LYS A 28 6.83 -0.03 10.12
CA LYS A 28 5.58 -0.49 9.56
C LYS A 28 5.48 -2.01 9.75
N TRP A 29 4.31 -2.49 10.16
CA TRP A 29 4.13 -3.90 10.45
C TRP A 29 4.01 -4.73 9.18
N THR A 30 5.14 -4.94 8.53
CA THR A 30 5.22 -5.70 7.28
C THR A 30 6.55 -6.41 7.22
N PHE A 31 6.55 -7.68 6.86
CA PHE A 31 7.77 -8.47 6.84
C PHE A 31 7.57 -9.82 6.15
N VAL A 32 8.68 -10.40 5.69
CA VAL A 32 8.67 -11.74 5.17
C VAL A 32 8.61 -12.72 6.33
N THR A 33 9.55 -12.54 7.25
CA THR A 33 9.59 -13.31 8.47
C THR A 33 9.78 -12.31 9.59
N PRO A 34 9.06 -12.49 10.71
CA PRO A 34 9.20 -11.51 11.79
C PRO A 34 10.47 -11.75 12.62
N ARG A 35 11.30 -10.73 12.74
CA ARG A 35 12.48 -10.83 13.59
C ARG A 35 12.24 -10.02 14.86
N GLU A 36 13.28 -9.91 15.70
CA GLU A 36 13.09 -9.44 17.07
C GLU A 36 12.71 -7.96 17.15
N GLU A 37 13.08 -7.16 16.16
CA GLU A 37 12.73 -5.74 16.19
C GLU A 37 11.22 -5.59 16.18
N PHE A 38 10.51 -6.53 15.56
CA PHE A 38 9.05 -6.46 15.56
C PHE A 38 8.49 -6.91 16.89
N THR A 39 9.08 -7.94 17.48
CA THR A 39 8.65 -8.38 18.80
C THR A 39 8.88 -7.28 19.85
N GLU A 40 10.01 -6.58 19.77
CA GLU A 40 10.31 -5.51 20.74
C GLU A 40 9.41 -4.31 20.57
N LEU A 41 9.16 -3.91 19.33
CA LEU A 41 8.18 -2.85 19.07
C LEU A 41 6.80 -3.18 19.63
N LEU A 42 6.29 -4.37 19.32
CA LEU A 42 4.96 -4.74 19.81
C LEU A 42 4.90 -4.77 21.36
N ARG A 43 5.94 -5.30 21.98
CA ARG A 43 5.95 -5.36 23.43
C ARG A 43 6.00 -3.93 24.01
N ASP A 44 6.84 -3.06 23.43
CA ASP A 44 6.87 -1.64 23.80
C ASP A 44 5.48 -0.99 23.72
N GLN A 45 4.79 -1.18 22.60
CA GLN A 45 3.48 -0.59 22.40
C GLN A 45 2.44 -1.14 23.37
N MET A 46 2.55 -2.42 23.70
CA MET A 46 1.59 -2.99 24.65
C MET A 46 1.85 -2.44 26.04
N MET A 47 3.14 -2.28 26.37
CA MET A 47 3.54 -1.64 27.63
C MET A 47 2.88 -0.28 27.75
N THR A 48 3.18 0.57 26.79
CA THR A 48 2.61 1.93 26.71
C THR A 48 1.08 1.96 26.77
N ALA A 49 0.45 0.93 26.22
CA ALA A 49 -1.02 0.86 26.20
C ALA A 49 -1.64 0.32 27.51
N ASN A 50 -0.82 0.06 28.53
CA ASN A 50 -1.32 -0.52 29.79
C ASN A 50 -1.98 -1.89 29.62
N VAL A 51 -1.53 -2.65 28.62
CA VAL A 51 -1.92 -4.07 28.58
C VAL A 51 -1.38 -4.72 29.86
N ASN A 52 -2.21 -5.51 30.53
CA ASN A 52 -1.79 -6.27 31.71
C ASN A 52 -0.37 -6.81 31.57
N LYS A 53 0.50 -6.52 32.53
CA LYS A 53 1.90 -6.88 32.35
C LYS A 53 2.16 -8.38 32.48
N ALA A 54 1.31 -9.11 33.19
CA ALA A 54 1.48 -10.57 33.21
C ALA A 54 1.12 -11.16 31.84
N LEU A 55 0.10 -10.58 31.22
CA LEU A 55 -0.34 -11.02 29.90
C LEU A 55 0.77 -10.80 28.89
N ILE A 56 1.34 -9.60 28.91
CA ILE A 56 2.51 -9.29 28.08
C ILE A 56 3.62 -10.33 28.26
N ALA A 57 3.92 -10.66 29.52
CA ALA A 57 4.95 -11.67 29.80
C ALA A 57 4.65 -13.00 29.10
N ASN A 58 3.40 -13.45 29.20
CA ASN A 58 2.96 -14.70 28.57
C ASN A 58 2.96 -14.64 27.06
N MET A 59 2.65 -13.46 26.53
CA MET A 59 2.56 -13.20 25.10
C MET A 59 3.90 -13.41 24.41
N PHE A 60 4.99 -13.05 25.10
CA PHE A 60 6.29 -13.14 24.46
C PHE A 60 7.16 -14.24 25.08
N HIS A 61 6.52 -15.17 25.77
CA HIS A 61 7.19 -16.38 26.21
C HIS A 61 7.46 -17.26 24.98
N ASP A 62 8.55 -18.02 25.03
CA ASP A 62 8.88 -18.88 23.88
C ASP A 62 8.00 -20.12 23.81
N ASP A 63 7.40 -20.49 24.95
CA ASP A 63 6.67 -21.75 25.05
C ASP A 63 5.23 -21.57 24.55
N PHE A 64 4.85 -22.31 23.51
CA PHE A 64 3.55 -22.14 22.88
C PHE A 64 2.39 -22.33 23.85
N ARG A 65 2.63 -23.04 24.95
CA ARG A 65 1.57 -23.29 25.90
C ARG A 65 1.11 -22.02 26.62
N TYR A 66 2.00 -21.04 26.75
CA TYR A 66 1.62 -19.74 27.29
C TYR A 66 0.81 -18.93 26.28
N HIS A 67 1.06 -19.17 25.00
CA HIS A 67 0.26 -18.57 23.93
C HIS A 67 -1.16 -19.10 23.94
N LEU A 68 -1.32 -20.40 24.20
CA LEU A 68 -2.66 -20.97 24.27
C LEU A 68 -3.39 -20.35 25.44
N LYS A 69 -2.68 -20.21 26.57
CA LYS A 69 -3.24 -19.53 27.75
C LYS A 69 -3.70 -18.12 27.44
N VAL A 70 -2.82 -17.35 26.79
CA VAL A 70 -3.18 -15.98 26.41
C VAL A 70 -4.46 -15.95 25.57
N ILE A 71 -4.55 -16.82 24.57
CA ILE A 71 -5.75 -16.86 23.73
C ILE A 71 -7.00 -17.23 24.53
N GLU A 72 -6.87 -18.25 25.39
CA GLU A 72 -7.98 -18.59 26.27
C GLU A 72 -8.42 -17.42 27.17
N GLN A 73 -7.46 -16.69 27.73
CA GLN A 73 -7.80 -15.54 28.57
C GLN A 73 -8.50 -14.47 27.75
N LEU A 74 -7.97 -14.15 26.57
CA LEU A 74 -8.59 -13.14 25.73
C LEU A 74 -9.99 -13.57 25.31
N SER A 75 -10.14 -14.86 25.00
CA SER A 75 -11.44 -15.37 24.58
C SER A 75 -12.49 -15.20 25.68
N GLU A 76 -12.12 -15.49 26.92
CA GLU A 76 -13.04 -15.33 28.05
C GLU A 76 -13.33 -13.85 28.31
N ASP A 77 -12.30 -13.02 28.15
CA ASP A 77 -12.42 -11.58 28.46
C ASP A 77 -13.28 -10.83 27.45
N LEU A 78 -13.52 -11.45 26.31
CA LEU A 78 -14.13 -10.74 25.18
C LEU A 78 -15.60 -10.36 25.39
N ALA A 79 -16.38 -11.24 26.03
CA ALA A 79 -17.79 -10.94 26.27
C ALA A 79 -18.02 -9.67 27.08
N GLY A 80 -17.37 -9.59 28.24
CA GLY A 80 -17.59 -8.48 29.17
C GLY A 80 -16.87 -7.22 28.78
N ASN A 81 -15.78 -7.34 28.05
CA ASN A 81 -14.95 -6.18 27.76
C ASN A 81 -14.57 -6.06 26.29
N SER A 82 -15.59 -5.95 25.44
CA SER A 82 -15.39 -5.79 24.01
C SER A 82 -14.89 -4.39 23.65
N LYS A 83 -15.28 -3.38 24.44
CA LYS A 83 -14.78 -2.03 24.21
C LYS A 83 -13.25 -2.02 24.27
N ALA A 84 -12.71 -2.63 25.30
CA ALA A 84 -11.27 -2.71 25.49
C ALA A 84 -10.59 -3.48 24.33
N LEU A 85 -11.18 -4.60 23.93
CA LEU A 85 -10.67 -5.35 22.77
C LEU A 85 -10.54 -4.42 21.58
N VAL A 86 -11.61 -3.71 21.23
CA VAL A 86 -11.56 -2.78 20.10
C VAL A 86 -10.49 -1.69 20.24
N CYS A 87 -10.39 -1.11 21.44
CA CYS A 87 -9.33 -0.15 21.74
C CYS A 87 -7.92 -0.71 21.54
N ASN A 88 -7.76 -2.02 21.71
CA ASN A 88 -6.45 -2.63 21.56
C ASN A 88 -6.38 -3.61 20.36
N LEU A 89 -7.35 -3.52 19.46
CA LEU A 89 -7.45 -4.48 18.36
C LEU A 89 -6.17 -4.63 17.55
N ASP A 90 -5.55 -3.49 17.22
CA ASP A 90 -4.36 -3.47 16.39
C ASP A 90 -3.22 -4.26 17.05
N LEU A 91 -3.07 -4.13 18.36
CA LEU A 91 -2.05 -4.86 19.11
C LEU A 91 -2.32 -6.36 19.11
N ILE A 92 -3.59 -6.71 19.30
CA ILE A 92 -3.97 -8.13 19.36
C ILE A 92 -3.82 -8.79 17.98
N LEU A 93 -4.21 -8.09 16.92
CA LEU A 93 -4.02 -8.61 15.57
C LEU A 93 -2.53 -8.82 15.30
N LYS A 94 -1.71 -7.84 15.67
CA LYS A 94 -0.25 -7.96 15.51
C LYS A 94 0.31 -9.16 16.25
N TRP A 95 -0.16 -9.37 17.47
CA TRP A 95 0.37 -10.49 18.27
C TRP A 95 0.02 -11.83 17.59
N LEU A 96 -1.17 -11.90 17.02
CA LEU A 96 -1.56 -13.14 16.34
C LEU A 96 -0.73 -13.34 15.07
N THR A 97 -0.41 -12.26 14.35
CA THR A 97 0.40 -12.41 13.14
C THR A 97 1.77 -13.02 13.48
N LEU A 98 2.31 -12.73 14.67
CA LEU A 98 3.54 -13.41 15.08
C LEU A 98 3.33 -14.91 15.28
N ARG A 99 2.21 -15.28 15.90
CA ARG A 99 1.83 -16.67 16.12
C ARG A 99 1.55 -17.44 14.82
N PHE A 100 1.31 -16.72 13.73
CA PHE A 100 1.10 -17.40 12.46
C PHE A 100 2.39 -18.00 11.91
N TYR A 101 3.54 -17.51 12.40
CA TYR A 101 4.82 -18.04 11.92
C TYR A 101 5.38 -19.14 12.80
N ASP A 102 4.78 -19.33 13.97
CA ASP A 102 5.14 -20.45 14.82
C ASP A 102 4.51 -21.73 14.25
N THR A 103 5.10 -22.87 14.56
CA THR A 103 4.72 -24.11 13.92
C THR A 103 3.69 -24.91 14.72
N ASN A 104 2.99 -24.26 15.65
CA ASN A 104 2.10 -25.07 16.48
C ASN A 104 0.65 -25.02 16.01
N PRO A 105 0.12 -26.17 15.62
CA PRO A 105 -1.25 -26.30 15.12
C PRO A 105 -2.29 -25.94 16.17
N SER A 106 -2.04 -26.27 17.45
CA SER A 106 -3.00 -25.95 18.49
C SER A 106 -3.15 -24.43 18.58
N VAL A 107 -2.04 -23.72 18.52
CA VAL A 107 -2.06 -22.27 18.65
C VAL A 107 -2.79 -21.65 17.46
N LEU A 108 -2.56 -22.20 16.26
CA LEU A 108 -3.24 -21.68 15.08
C LEU A 108 -4.75 -21.90 15.19
N ILE A 109 -5.18 -23.09 15.57
CA ILE A 109 -6.62 -23.39 15.60
C ILE A 109 -7.37 -22.59 16.66
N LYS A 110 -6.79 -22.51 17.84
CA LYS A 110 -7.40 -21.73 18.91
C LYS A 110 -7.32 -20.21 18.63
N GLY A 111 -6.20 -19.73 18.08
CA GLY A 111 -6.11 -18.33 17.69
C GLY A 111 -7.14 -17.96 16.62
N LEU A 112 -7.30 -18.84 15.64
CA LEU A 112 -8.31 -18.61 14.60
C LEU A 112 -9.73 -18.64 15.16
N GLU A 113 -10.04 -19.57 16.07
CA GLU A 113 -11.36 -19.56 16.73
C GLU A 113 -11.63 -18.24 17.46
N TYR A 114 -10.64 -17.77 18.22
CA TYR A 114 -10.74 -16.48 18.89
C TYR A 114 -11.03 -15.37 17.90
N LEU A 115 -10.26 -15.35 16.83
CA LEU A 115 -10.42 -14.34 15.79
C LEU A 115 -11.84 -14.31 15.22
N VAL A 116 -12.44 -15.49 15.06
CA VAL A 116 -13.83 -15.55 14.63
C VAL A 116 -14.72 -14.81 15.63
N GLN A 117 -14.50 -15.02 16.94
CA GLN A 117 -15.29 -14.31 17.97
C GLN A 117 -15.04 -12.80 17.90
N VAL A 118 -13.77 -12.42 17.70
CA VAL A 118 -13.42 -11.00 17.57
C VAL A 118 -14.10 -10.34 16.39
N PHE A 119 -14.03 -10.95 15.21
CA PHE A 119 -14.58 -10.27 14.03
C PHE A 119 -16.11 -10.24 14.06
N GLN A 120 -16.73 -11.22 14.72
CA GLN A 120 -18.17 -11.14 14.99
C GLN A 120 -18.52 -9.91 15.83
N VAL A 121 -17.75 -9.65 16.88
CA VAL A 121 -17.91 -8.42 17.67
C VAL A 121 -17.76 -7.17 16.79
N LEU A 122 -16.75 -7.15 15.93
CA LEU A 122 -16.53 -6.00 15.05
C LEU A 122 -17.72 -5.79 14.11
N ILE A 123 -18.24 -6.89 13.57
CA ILE A 123 -19.41 -6.83 12.68
C ILE A 123 -20.63 -6.31 13.44
N ASP A 124 -20.84 -6.84 14.64
CA ASP A 124 -22.00 -6.50 15.46
C ASP A 124 -21.96 -5.04 15.90
N GLU A 125 -20.76 -4.55 16.17
CA GLU A 125 -20.55 -3.17 16.58
C GLU A 125 -20.37 -2.22 15.40
N GLU A 126 -20.46 -2.75 14.18
CA GLU A 126 -20.28 -1.98 12.96
C GLU A 126 -18.91 -1.26 12.95
N TYR A 127 -17.91 -1.93 13.47
CA TYR A 127 -16.56 -1.35 13.44
C TYR A 127 -15.98 -1.54 12.04
N ILE A 128 -15.24 -0.53 11.60
CA ILE A 128 -14.53 -0.49 10.32
C ILE A 128 -13.03 -0.56 10.59
N LEU A 129 -12.33 -1.57 10.08
CA LEU A 129 -10.89 -1.66 10.33
C LEU A 129 -10.15 -0.45 9.80
N ALA A 130 -9.22 0.06 10.60
CA ALA A 130 -8.26 1.04 10.11
C ALA A 130 -7.47 0.41 8.97
N GLU A 131 -7.03 1.23 8.02
CA GLU A 131 -6.13 0.79 6.96
C GLU A 131 -4.93 0.00 7.54
N ASN A 132 -4.39 0.48 8.65
CA ASN A 132 -3.23 -0.16 9.27
C ASN A 132 -3.56 -1.52 9.87
N GLU A 133 -4.76 -1.65 10.44
CA GLU A 133 -5.16 -2.93 11.01
C GLU A 133 -5.28 -4.00 9.92
N GLY A 134 -6.03 -3.70 8.87
CA GLY A 134 -6.11 -4.58 7.70
C GLY A 134 -4.76 -4.96 7.11
N SER A 135 -3.93 -3.95 6.83
CA SER A 135 -2.62 -4.17 6.23
C SER A 135 -1.67 -4.98 7.08
N SER A 136 -1.75 -4.79 8.40
CA SER A 136 -0.84 -5.47 9.31
C SER A 136 -1.21 -6.94 9.45
N PHE A 137 -2.45 -7.27 9.09
CA PHE A 137 -3.05 -8.52 9.50
C PHE A 137 -3.29 -9.51 8.36
N VAL A 138 -3.98 -9.05 7.31
CA VAL A 138 -4.44 -9.94 6.24
C VAL A 138 -3.34 -10.72 5.48
N PRO A 139 -2.21 -10.07 5.09
CA PRO A 139 -1.19 -10.85 4.36
C PRO A 139 -0.67 -12.03 5.16
N HIS A 140 -0.57 -11.84 6.47
CA HIS A 140 -0.04 -12.84 7.36
C HIS A 140 -1.06 -13.93 7.60
N LEU A 141 -2.33 -13.53 7.75
CA LEU A 141 -3.39 -14.51 7.85
C LEU A 141 -3.42 -15.39 6.60
N LEU A 142 -3.38 -14.76 5.43
CA LEU A 142 -3.47 -15.48 4.17
C LEU A 142 -2.36 -16.51 3.97
N LEU A 143 -1.19 -16.26 4.57
CA LEU A 143 -0.08 -17.20 4.55
C LEU A 143 -0.47 -18.59 5.03
N LYS A 144 -1.45 -18.65 5.93
CA LYS A 144 -1.87 -19.93 6.47
C LYS A 144 -3.00 -20.61 5.66
N ILE A 145 -3.48 -19.97 4.60
CA ILE A 145 -4.64 -20.54 3.91
C ILE A 145 -4.24 -21.83 3.20
N GLY A 146 -2.94 -22.01 2.98
CA GLY A 146 -2.45 -23.22 2.35
C GLY A 146 -1.84 -24.20 3.33
N ASP A 147 -2.14 -24.03 4.62
CA ASP A 147 -1.55 -24.91 5.65
C ASP A 147 -1.80 -26.41 5.35
N PRO A 148 -0.85 -27.29 5.72
CA PRO A 148 -1.06 -28.74 5.64
C PRO A 148 -2.32 -29.21 6.36
N LYS A 149 -2.72 -28.50 7.42
CA LYS A 149 -3.82 -28.97 8.26
C LYS A 149 -5.16 -28.35 7.92
N ASP A 150 -6.11 -29.26 7.70
CA ASP A 150 -7.49 -28.91 7.37
C ASP A 150 -8.13 -27.88 8.30
N ALA A 151 -7.97 -28.05 9.62
CA ALA A 151 -8.65 -27.15 10.55
C ALA A 151 -8.07 -25.73 10.50
N VAL A 152 -6.77 -25.64 10.22
CA VAL A 152 -6.13 -24.32 10.03
C VAL A 152 -6.68 -23.64 8.77
N ARG A 153 -6.69 -24.36 7.65
CA ARG A 153 -7.21 -23.80 6.40
C ARG A 153 -8.65 -23.35 6.56
N ASN A 154 -9.48 -24.18 7.19
CA ASN A 154 -10.88 -23.77 7.40
C ASN A 154 -11.01 -22.52 8.28
N GLY A 155 -10.13 -22.41 9.27
CA GLY A 155 -10.19 -21.31 10.23
C GLY A 155 -9.80 -20.02 9.53
N VAL A 156 -8.71 -20.08 8.78
CA VAL A 156 -8.25 -18.95 7.97
C VAL A 156 -9.34 -18.45 7.04
N ARG A 157 -9.97 -19.37 6.31
CA ARG A 157 -11.04 -19.01 5.40
C ARG A 157 -12.21 -18.34 6.14
N ARG A 158 -12.57 -18.87 7.30
CA ARG A 158 -13.71 -18.33 8.06
C ARG A 158 -13.44 -16.88 8.52
N VAL A 159 -12.24 -16.68 9.06
CA VAL A 159 -11.78 -15.33 9.47
C VAL A 159 -11.68 -14.42 8.24
N LEU A 160 -11.05 -14.91 7.17
CA LEU A 160 -10.90 -14.06 5.99
C LEU A 160 -12.27 -13.60 5.48
N ARG A 161 -13.26 -14.47 5.59
CA ARG A 161 -14.58 -14.12 5.04
C ARG A 161 -15.39 -13.25 5.99
N GLN A 162 -14.87 -13.05 7.20
CA GLN A 162 -15.34 -12.00 8.08
C GLN A 162 -14.61 -10.68 7.83
N VAL A 163 -13.30 -10.75 7.57
CA VAL A 163 -12.52 -9.54 7.34
C VAL A 163 -13.10 -8.72 6.20
N ILE A 164 -13.53 -9.38 5.12
CA ILE A 164 -14.02 -8.64 3.96
C ILE A 164 -15.30 -7.88 4.27
N LEU A 165 -15.96 -8.20 5.39
CA LEU A 165 -17.16 -7.45 5.77
C LEU A 165 -16.79 -6.16 6.49
N VAL A 166 -15.55 -6.04 6.98
CA VAL A 166 -15.15 -4.86 7.74
C VAL A 166 -13.89 -4.18 7.20
N PHE A 167 -13.50 -4.54 5.99
CA PHE A 167 -12.28 -4.07 5.37
C PHE A 167 -12.49 -4.20 3.85
N PRO A 168 -11.96 -3.27 3.03
CA PRO A 168 -12.34 -3.28 1.61
C PRO A 168 -12.08 -4.60 0.87
N PHE A 169 -13.12 -5.14 0.22
CA PHE A 169 -13.01 -6.43 -0.43
C PHE A 169 -12.05 -6.32 -1.60
N VAL A 170 -11.92 -5.14 -2.22
CA VAL A 170 -10.96 -5.01 -3.30
C VAL A 170 -9.52 -5.20 -2.75
N LYS A 171 -9.25 -4.69 -1.54
CA LYS A 171 -7.93 -4.84 -0.95
C LYS A 171 -7.65 -6.32 -0.59
N VAL A 172 -8.65 -7.01 -0.06
CA VAL A 172 -8.50 -8.44 0.24
C VAL A 172 -8.24 -9.23 -1.03
N PHE A 173 -8.98 -8.92 -2.10
CA PHE A 173 -8.76 -9.55 -3.38
C PHE A 173 -7.29 -9.42 -3.78
N GLY A 174 -6.75 -8.20 -3.67
CA GLY A 174 -5.34 -7.92 -3.90
C GLY A 174 -4.39 -8.78 -3.07
N TYR A 175 -4.64 -8.90 -1.77
CA TYR A 175 -3.79 -9.76 -0.92
C TYR A 175 -3.85 -11.24 -1.30
N VAL A 176 -5.04 -11.72 -1.66
CA VAL A 176 -5.17 -13.08 -2.13
C VAL A 176 -4.39 -13.30 -3.42
N MET A 177 -4.51 -12.34 -4.34
CA MET A 177 -3.73 -12.36 -5.59
C MET A 177 -2.21 -12.56 -5.36
N GLU A 178 -1.67 -12.00 -4.28
CA GLU A 178 -0.23 -12.12 -3.99
C GLU A 178 0.15 -13.56 -3.73
N GLY A 179 -0.84 -14.33 -3.26
CA GLY A 179 -0.64 -15.74 -2.95
C GLY A 179 -0.32 -16.57 -4.17
N LEU A 180 -0.62 -16.07 -5.37
CA LEU A 180 -0.28 -16.83 -6.57
C LEU A 180 1.25 -16.93 -6.77
N LYS A 181 2.01 -16.06 -6.10
CA LYS A 181 3.46 -16.03 -6.26
C LYS A 181 4.18 -16.96 -5.31
N SER A 182 3.43 -17.63 -4.45
CA SER A 182 4.04 -18.54 -3.49
C SER A 182 4.78 -19.69 -4.17
N LYS A 183 5.91 -20.09 -3.61
CA LYS A 183 6.59 -21.27 -4.11
C LYS A 183 5.84 -22.53 -3.68
N ASN A 184 4.94 -22.39 -2.71
CA ASN A 184 4.17 -23.53 -2.20
C ASN A 184 2.92 -23.78 -3.05
N ALA A 185 2.75 -25.00 -3.56
CA ALA A 185 1.65 -25.28 -4.47
C ALA A 185 0.31 -25.29 -3.77
N ARG A 186 0.25 -25.73 -2.51
CA ARG A 186 -1.03 -25.71 -1.80
C ARG A 186 -1.48 -24.27 -1.56
N GLN A 187 -0.52 -23.37 -1.26
CA GLN A 187 -0.84 -21.95 -1.13
C GLN A 187 -1.43 -21.42 -2.43
N ARG A 188 -0.78 -21.72 -3.56
CA ARG A 188 -1.30 -21.26 -4.85
C ARG A 188 -2.71 -21.82 -5.10
N THR A 189 -2.90 -23.11 -4.82
CA THR A 189 -4.20 -23.74 -5.01
C THR A 189 -5.30 -23.10 -4.17
N GLU A 190 -5.04 -22.90 -2.88
CA GLU A 190 -6.08 -22.38 -1.99
C GLU A 190 -6.39 -20.91 -2.28
N CYS A 191 -5.37 -20.15 -2.67
CA CYS A 191 -5.61 -18.76 -3.06
C CYS A 191 -6.44 -18.71 -4.33
N LEU A 192 -6.15 -19.58 -5.29
CA LEU A 192 -6.98 -19.64 -6.50
C LEU A 192 -8.46 -19.94 -6.20
N ASP A 193 -8.73 -20.96 -5.36
CA ASP A 193 -10.09 -21.26 -4.91
C ASP A 193 -10.74 -20.05 -4.20
N GLU A 194 -9.96 -19.30 -3.43
CA GLU A 194 -10.51 -18.13 -2.77
C GLU A 194 -10.84 -17.04 -3.78
N LEU A 195 -10.00 -16.87 -4.79
CA LEU A 195 -10.30 -15.91 -5.84
C LEU A 195 -11.64 -16.26 -6.51
N THR A 196 -11.86 -17.55 -6.72
CA THR A 196 -13.11 -18.03 -7.33
C THR A 196 -14.29 -17.67 -6.44
N PHE A 197 -14.16 -17.90 -5.13
CA PHE A 197 -15.21 -17.54 -4.19
C PHE A 197 -15.51 -16.03 -4.25
N LEU A 198 -14.45 -15.23 -4.25
CA LEU A 198 -14.61 -13.78 -4.26
C LEU A 198 -15.24 -13.26 -5.55
N ILE A 199 -14.84 -13.85 -6.68
CA ILE A 199 -15.39 -13.44 -7.97
C ILE A 199 -16.87 -13.84 -8.08
N GLU A 200 -17.23 -15.05 -7.64
CA GLU A 200 -18.63 -15.46 -7.57
C GLU A 200 -19.47 -14.55 -6.63
N SER A 201 -18.83 -14.02 -5.59
CA SER A 201 -19.53 -13.27 -4.56
C SER A 201 -19.67 -11.79 -4.89
N TYR A 202 -18.65 -11.22 -5.49
CA TYR A 202 -18.60 -9.79 -5.73
C TYR A 202 -18.78 -9.46 -7.21
N GLY A 203 -18.71 -10.48 -8.05
CA GLY A 203 -18.75 -10.27 -9.50
C GLY A 203 -17.47 -9.65 -10.04
N MET A 204 -17.45 -9.39 -11.35
CA MET A 204 -16.23 -8.97 -12.00
C MET A 204 -15.73 -7.60 -11.61
N ASN A 205 -16.52 -6.81 -10.87
CA ASN A 205 -16.00 -5.55 -10.37
C ASN A 205 -14.74 -5.76 -9.52
N ILE A 206 -14.62 -6.93 -8.90
CA ILE A 206 -13.51 -7.19 -7.98
C ILE A 206 -12.28 -7.71 -8.72
N CYS A 207 -12.47 -8.03 -9.99
CA CYS A 207 -11.43 -8.73 -10.73
C CYS A 207 -11.07 -8.03 -12.02
N PRO A 208 -10.02 -7.19 -12.00
CA PRO A 208 -9.66 -6.52 -13.26
C PRO A 208 -9.05 -7.49 -14.29
N GLN A 209 -8.94 -7.02 -15.52
CA GLN A 209 -8.45 -7.83 -16.63
C GLN A 209 -7.04 -8.35 -16.35
N SER A 210 -6.24 -7.55 -15.66
CA SER A 210 -4.88 -7.94 -15.33
C SER A 210 -4.84 -9.11 -14.35
N ALA A 211 -5.81 -9.17 -13.43
CA ALA A 211 -5.86 -10.29 -12.50
C ALA A 211 -6.26 -11.55 -13.25
N VAL A 212 -7.20 -11.42 -14.19
CA VAL A 212 -7.60 -12.54 -15.02
C VAL A 212 -6.41 -13.16 -15.75
N ARG A 213 -5.59 -12.30 -16.32
CA ARG A 213 -4.35 -12.67 -16.99
C ARG A 213 -3.48 -13.53 -16.06
N GLU A 214 -3.21 -12.94 -14.92
CA GLU A 214 -2.44 -13.54 -13.83
C GLU A 214 -2.99 -14.91 -13.43
N ILE A 215 -4.30 -15.00 -13.23
CA ILE A 215 -4.93 -16.27 -12.86
C ILE A 215 -4.72 -17.33 -13.95
N ALA A 216 -4.84 -16.91 -15.21
CA ALA A 216 -4.76 -17.84 -16.33
C ALA A 216 -3.36 -18.47 -16.46
N ARG A 217 -2.32 -17.70 -16.14
CA ARG A 217 -0.95 -18.20 -16.14
C ARG A 217 -0.80 -19.48 -15.30
N GLN A 218 -1.62 -19.62 -14.26
CA GLN A 218 -1.53 -20.74 -13.35
C GLN A 218 -2.07 -22.05 -13.94
N ILE A 219 -2.69 -21.95 -15.12
CA ILE A 219 -3.28 -23.14 -15.72
C ILE A 219 -2.19 -24.11 -16.16
N SER A 220 -1.05 -23.58 -16.56
CA SER A 220 0.07 -24.39 -17.03
C SER A 220 0.92 -24.96 -15.90
N ASP A 221 0.50 -24.75 -14.66
CA ASP A 221 1.26 -25.24 -13.50
C ASP A 221 1.42 -26.76 -13.59
N ARG A 222 2.57 -27.27 -13.14
CA ARG A 222 2.82 -28.70 -13.22
C ARG A 222 2.02 -29.44 -12.16
N ASP A 223 1.84 -28.80 -11.01
CA ASP A 223 1.03 -29.36 -9.94
C ASP A 223 -0.43 -29.41 -10.37
N ASN A 224 -0.99 -30.61 -10.39
CA ASN A 224 -2.35 -30.81 -10.90
C ASN A 224 -3.43 -30.10 -10.08
N SER A 225 -3.16 -29.82 -8.81
CA SER A 225 -4.15 -29.15 -7.98
C SER A 225 -4.20 -27.66 -8.31
N VAL A 226 -3.05 -27.10 -8.64
CA VAL A 226 -2.98 -25.70 -9.04
C VAL A 226 -3.67 -25.52 -10.39
N ARG A 227 -3.38 -26.42 -11.33
CA ARG A 227 -4.01 -26.37 -12.64
C ARG A 227 -5.54 -26.43 -12.54
N ASN A 228 -6.07 -27.40 -11.79
CA ASN A 228 -7.52 -27.55 -11.64
C ASN A 228 -8.14 -26.31 -10.96
N ALA A 229 -7.41 -25.68 -10.04
CA ALA A 229 -7.94 -24.50 -9.36
C ALA A 229 -7.99 -23.29 -10.29
N ALA A 230 -6.95 -23.13 -11.12
CA ALA A 230 -6.91 -21.98 -12.01
C ALA A 230 -7.99 -22.11 -13.09
N LEU A 231 -8.20 -23.33 -13.57
CA LEU A 231 -9.24 -23.62 -14.56
C LEU A 231 -10.62 -23.28 -14.02
N ASN A 232 -10.94 -23.78 -12.83
CA ASN A 232 -12.23 -23.48 -12.19
C ASN A 232 -12.42 -22.00 -12.04
N CYS A 233 -11.32 -21.29 -11.81
CA CYS A 233 -11.43 -19.86 -11.58
C CYS A 233 -11.69 -19.12 -12.89
N ILE A 234 -11.04 -19.52 -13.98
CA ILE A 234 -11.25 -18.86 -15.26
C ILE A 234 -12.64 -19.21 -15.79
N VAL A 235 -13.10 -20.44 -15.53
CA VAL A 235 -14.46 -20.84 -15.89
C VAL A 235 -15.50 -19.91 -15.25
N GLN A 236 -15.32 -19.63 -13.97
CA GLN A 236 -16.22 -18.72 -13.26
C GLN A 236 -16.16 -17.35 -13.89
N VAL A 237 -14.94 -16.94 -14.28
CA VAL A 237 -14.82 -15.67 -14.98
C VAL A 237 -15.59 -15.76 -16.30
N PHE A 238 -15.58 -16.92 -16.94
CA PHE A 238 -16.25 -17.07 -18.23
C PHE A 238 -17.77 -16.89 -18.09
N PHE A 239 -18.35 -17.47 -17.05
CA PHE A 239 -19.78 -17.37 -16.76
C PHE A 239 -20.25 -15.94 -16.53
N LEU A 240 -19.35 -15.05 -16.13
CA LEU A 240 -19.75 -13.68 -15.85
C LEU A 240 -19.34 -12.73 -16.95
N SER A 241 -18.45 -13.18 -17.83
CA SER A 241 -17.80 -12.25 -18.75
C SER A 241 -17.97 -12.66 -20.21
N GLY A 242 -18.30 -13.93 -20.43
CA GLY A 242 -18.53 -14.41 -21.79
C GLY A 242 -17.26 -14.48 -22.61
N GLU A 243 -17.42 -14.48 -23.93
CA GLU A 243 -16.29 -14.74 -24.84
C GLU A 243 -15.19 -13.69 -24.76
N LYS A 244 -15.46 -12.58 -24.09
CA LYS A 244 -14.44 -11.56 -23.83
C LYS A 244 -13.34 -12.10 -22.92
N THR A 245 -13.64 -13.20 -22.23
CA THR A 245 -12.66 -13.85 -21.37
C THR A 245 -11.43 -14.23 -22.19
N TYR A 246 -11.66 -14.79 -23.38
CA TYR A 246 -10.59 -15.28 -24.23
C TYR A 246 -9.59 -14.18 -24.58
N LYS A 247 -10.06 -12.94 -24.57
CA LYS A 247 -9.21 -11.79 -24.81
C LYS A 247 -8.49 -11.38 -23.53
N MET A 248 -9.03 -11.79 -22.38
CA MET A 248 -8.47 -11.45 -21.07
C MET A 248 -7.43 -12.45 -20.55
N ILE A 249 -7.57 -13.73 -20.89
CA ILE A 249 -6.67 -14.74 -20.37
C ILE A 249 -5.27 -14.69 -20.99
N GLY A 250 -5.05 -13.74 -21.89
CA GLY A 250 -3.80 -13.70 -22.63
C GLY A 250 -3.79 -14.75 -23.72
N HIS A 251 -2.70 -15.51 -23.80
CA HIS A 251 -2.55 -16.51 -24.85
C HIS A 251 -2.03 -17.84 -24.30
N LEU A 252 -2.79 -18.92 -24.47
CA LEU A 252 -2.53 -20.15 -23.72
C LEU A 252 -2.19 -21.40 -24.56
N ASN A 253 -1.52 -22.35 -23.90
CA ASN A 253 -1.19 -23.65 -24.47
C ASN A 253 -2.45 -24.32 -24.99
N GLU A 254 -2.56 -24.59 -26.30
CA GLU A 254 -3.80 -25.14 -26.89
C GLU A 254 -4.28 -26.41 -26.21
N LYS A 255 -3.39 -27.07 -25.48
CA LYS A 255 -3.83 -28.13 -24.57
C LYS A 255 -4.72 -27.55 -23.43
N ASP A 256 -4.31 -26.40 -22.86
CA ASP A 256 -5.08 -25.67 -21.84
C ASP A 256 -6.48 -25.38 -22.37
N LEU A 257 -6.52 -24.77 -23.55
CA LEU A 257 -7.79 -24.38 -24.19
C LEU A 257 -8.72 -25.55 -24.27
N SER A 258 -8.16 -26.72 -24.58
CA SER A 258 -8.93 -27.96 -24.57
C SER A 258 -9.43 -28.26 -23.16
N MET A 259 -8.53 -28.17 -22.18
CA MET A 259 -8.90 -28.39 -20.77
C MET A 259 -9.86 -27.31 -20.27
N LEU A 260 -9.59 -26.05 -20.64
CA LEU A 260 -10.49 -24.96 -20.29
C LEU A 260 -11.87 -25.16 -20.88
N ASP A 261 -11.93 -25.40 -22.19
CA ASP A 261 -13.21 -25.51 -22.85
C ASP A 261 -13.96 -26.76 -22.37
N GLU A 262 -13.24 -27.87 -22.21
CA GLU A 262 -13.91 -29.09 -21.74
C GLU A 262 -14.27 -29.00 -20.25
N ARG A 263 -13.88 -27.90 -19.59
CA ARG A 263 -14.39 -27.60 -18.25
C ARG A 263 -15.40 -26.47 -18.33
N ILE A 264 -15.20 -25.56 -19.29
CA ILE A 264 -16.18 -24.51 -19.60
C ILE A 264 -17.53 -25.15 -19.91
N LYS A 265 -17.50 -26.20 -20.71
CA LYS A 265 -18.66 -27.06 -20.83
C LYS A 265 -18.50 -28.16 -19.80
N ARG A 266 -19.62 -28.66 -19.30
CA ARG A 266 -19.65 -29.84 -18.43
C ARG A 266 -18.82 -29.65 -17.16
N SER B 5 -4.52 37.70 9.08
CA SER B 5 -4.11 36.43 9.66
C SER B 5 -3.06 35.75 8.80
N PRO B 6 -2.12 35.03 9.42
CA PRO B 6 -1.05 34.40 8.67
C PRO B 6 -1.59 33.49 7.59
N LEU B 7 -0.80 33.22 6.55
CA LEU B 7 -1.27 32.39 5.46
C LEU B 7 -1.58 30.99 6.00
N LEU B 8 -0.63 30.45 6.77
CA LEU B 8 -0.73 29.10 7.35
C LEU B 8 -0.49 29.17 8.85
N CYS B 9 -1.15 28.30 9.60
CA CYS B 9 -0.99 28.27 11.06
C CYS B 9 -0.26 27.01 11.51
N ALA B 10 0.66 27.18 12.45
CA ALA B 10 1.42 26.08 13.01
C ALA B 10 0.62 25.37 14.11
N ASN B 11 -0.42 24.65 13.70
CA ASN B 11 -1.21 23.85 14.64
C ASN B 11 -0.94 22.35 14.43
N SER B 12 -1.65 21.51 15.17
CA SER B 12 -1.50 20.06 15.01
C SER B 12 -2.67 19.39 14.28
N ALA B 13 -3.35 20.13 13.42
CA ALA B 13 -4.53 19.58 12.72
C ALA B 13 -4.17 18.44 11.75
N LYS B 14 -2.91 18.34 11.36
CA LYS B 14 -2.50 17.28 10.46
C LYS B 14 -2.71 15.91 11.12
N ASN B 15 -2.68 15.86 12.45
CA ASN B 15 -2.89 14.61 13.14
C ASN B 15 -4.29 14.06 12.88
N GLN B 16 -5.28 14.92 13.02
CA GLN B 16 -6.65 14.54 12.72
C GLN B 16 -6.84 14.17 11.25
N ARG B 17 -6.12 14.84 10.35
CA ARG B 17 -6.29 14.53 8.93
C ARG B 17 -5.68 13.16 8.61
N LEU B 18 -4.55 12.86 9.24
CA LEU B 18 -3.91 11.56 9.03
C LEU B 18 -4.81 10.45 9.57
N LEU B 19 -5.31 10.66 10.78
CA LEU B 19 -6.18 9.68 11.42
C LEU B 19 -7.47 9.48 10.61
N ASP B 20 -8.09 10.59 10.14
CA ASP B 20 -9.27 10.52 9.27
C ASP B 20 -9.04 9.60 8.07
N GLU B 21 -7.90 9.77 7.40
CA GLU B 21 -7.62 8.95 6.25
C GLU B 21 -7.38 7.47 6.64
N GLN B 22 -6.61 7.23 7.69
CA GLN B 22 -6.32 5.85 8.13
C GLN B 22 -7.60 5.15 8.62
N LYS B 23 -8.53 5.92 9.19
CA LYS B 23 -9.80 5.34 9.66
C LYS B 23 -10.90 5.32 8.58
N MET B 24 -10.52 5.50 7.32
CA MET B 24 -11.45 5.49 6.18
C MET B 24 -12.57 6.55 6.21
N LYS B 25 -12.35 7.67 6.88
CA LYS B 25 -13.36 8.72 7.02
C LYS B 25 -13.32 9.74 5.89
N VAL B 26 -12.21 9.77 5.16
CA VAL B 26 -12.07 10.69 4.06
C VAL B 26 -11.42 9.98 2.88
N LEU B 27 -11.70 10.46 1.66
CA LEU B 27 -11.12 9.90 0.43
C LEU B 27 -9.60 9.83 0.45
N LYS B 28 -9.07 8.74 -0.11
CA LYS B 28 -7.64 8.60 -0.38
C LYS B 28 -7.25 9.49 -1.54
N TRP B 29 -6.12 10.19 -1.40
CA TRP B 29 -5.69 11.13 -2.43
C TRP B 29 -5.06 10.41 -3.62
N THR B 30 -5.81 9.49 -4.21
CA THR B 30 -5.37 8.85 -5.44
C THR B 30 -6.46 9.00 -6.47
N PHE B 31 -6.07 9.43 -7.67
CA PHE B 31 -7.02 9.60 -8.76
C PHE B 31 -6.28 9.64 -10.08
N VAL B 32 -7.00 9.32 -11.15
CA VAL B 32 -6.46 9.43 -12.49
C VAL B 32 -6.36 10.90 -12.86
N THR B 33 -7.44 11.64 -12.64
CA THR B 33 -7.45 13.09 -12.75
C THR B 33 -8.29 13.65 -11.59
N PRO B 34 -8.12 14.94 -11.27
CA PRO B 34 -8.91 15.50 -10.17
C PRO B 34 -10.42 15.55 -10.44
N ARG B 35 -11.21 15.35 -9.38
CA ARG B 35 -12.66 15.55 -9.42
C ARG B 35 -13.06 16.51 -8.31
N GLU B 36 -14.31 16.95 -8.32
CA GLU B 36 -14.76 17.97 -7.37
C GLU B 36 -14.75 17.46 -5.93
N GLU B 37 -14.94 16.15 -5.75
CA GLU B 37 -14.93 15.57 -4.42
C GLU B 37 -13.58 15.78 -3.73
N PHE B 38 -12.49 15.77 -4.52
CA PHE B 38 -11.16 15.93 -3.95
C PHE B 38 -10.90 17.40 -3.62
N THR B 39 -11.27 18.27 -4.56
CA THR B 39 -11.08 19.70 -4.35
C THR B 39 -11.88 20.19 -3.15
N GLU B 40 -13.12 19.73 -3.03
CA GLU B 40 -13.95 20.12 -1.89
C GLU B 40 -13.45 19.50 -0.59
N LEU B 41 -12.94 18.27 -0.68
CA LEU B 41 -12.30 17.68 0.50
C LEU B 41 -11.15 18.57 0.97
N LEU B 42 -10.29 18.94 0.03
CA LEU B 42 -9.11 19.75 0.37
C LEU B 42 -9.49 21.12 0.94
N ARG B 43 -10.46 21.76 0.29
CA ARG B 43 -10.93 23.06 0.77
C ARG B 43 -11.45 22.93 2.19
N ASP B 44 -12.26 21.90 2.44
CA ASP B 44 -12.81 21.71 3.77
C ASP B 44 -11.72 21.53 4.83
N GLN B 45 -10.70 20.74 4.49
CA GLN B 45 -9.56 20.53 5.38
C GLN B 45 -8.77 21.81 5.63
N MET B 46 -8.53 22.60 4.59
CA MET B 46 -7.84 23.88 4.73
C MET B 46 -8.63 24.83 5.64
N MET B 47 -9.94 24.88 5.45
CA MET B 47 -10.84 25.67 6.32
C MET B 47 -10.60 25.29 7.77
N THR B 48 -10.80 24.00 8.03
CA THR B 48 -10.54 23.40 9.34
C THR B 48 -9.12 23.71 9.84
N ALA B 49 -8.16 23.81 8.92
CA ALA B 49 -6.76 24.06 9.28
C ALA B 49 -6.48 25.53 9.65
N ASN B 50 -7.48 26.39 9.46
CA ASN B 50 -7.31 27.84 9.60
C ASN B 50 -6.26 28.36 8.64
N VAL B 51 -6.27 27.85 7.42
CA VAL B 51 -5.48 28.42 6.34
C VAL B 51 -6.14 29.78 6.04
N ASN B 52 -5.34 30.78 5.68
CA ASN B 52 -5.87 32.10 5.32
C ASN B 52 -7.00 32.01 4.28
N LYS B 53 -8.14 32.64 4.57
CA LYS B 53 -9.34 32.42 3.75
C LYS B 53 -9.25 33.02 2.36
N ALA B 54 -8.48 34.08 2.19
CA ALA B 54 -8.30 34.67 0.87
C ALA B 54 -7.29 33.84 0.08
N LEU B 55 -6.35 33.24 0.81
CA LEU B 55 -5.44 32.30 0.19
C LEU B 55 -6.27 31.14 -0.37
N ILE B 56 -7.20 30.63 0.44
CA ILE B 56 -8.10 29.55 0.02
C ILE B 56 -8.92 29.94 -1.21
N ALA B 57 -9.53 31.13 -1.16
CA ALA B 57 -10.31 31.64 -2.28
C ALA B 57 -9.48 31.64 -3.55
N ASN B 58 -8.26 32.18 -3.44
CA ASN B 58 -7.36 32.23 -4.57
C ASN B 58 -6.91 30.82 -5.01
N MET B 59 -6.58 29.99 -4.02
CA MET B 59 -6.18 28.61 -4.28
C MET B 59 -7.15 27.88 -5.20
N PHE B 60 -8.45 28.12 -5.00
CA PHE B 60 -9.47 27.37 -5.71
C PHE B 60 -10.22 28.19 -6.76
N HIS B 61 -9.56 29.23 -7.27
CA HIS B 61 -10.13 30.00 -8.37
C HIS B 61 -9.76 29.36 -9.71
N ASP B 62 -10.63 29.52 -10.70
CA ASP B 62 -10.44 28.90 -12.02
C ASP B 62 -9.23 29.46 -12.77
N ASP B 63 -8.85 30.69 -12.44
CA ASP B 63 -7.85 31.45 -13.18
C ASP B 63 -6.43 31.12 -12.70
N PHE B 64 -5.58 30.66 -13.62
CA PHE B 64 -4.21 30.24 -13.28
C PHE B 64 -3.38 31.39 -12.68
N ARG B 65 -3.76 32.62 -12.99
CA ARG B 65 -3.06 33.79 -12.46
C ARG B 65 -3.21 33.91 -10.94
N TYR B 66 -4.33 33.44 -10.40
CA TYR B 66 -4.53 33.40 -8.95
C TYR B 66 -3.66 32.30 -8.32
N HIS B 67 -3.41 31.26 -9.10
CA HIS B 67 -2.52 30.18 -8.68
C HIS B 67 -1.09 30.66 -8.57
N LEU B 68 -0.62 31.36 -9.61
CA LEU B 68 0.71 31.98 -9.57
C LEU B 68 0.83 32.90 -8.35
N LYS B 69 -0.25 33.60 -8.01
CA LYS B 69 -0.21 34.50 -6.86
C LYS B 69 -0.02 33.71 -5.56
N VAL B 70 -0.79 32.64 -5.41
CA VAL B 70 -0.68 31.75 -4.25
C VAL B 70 0.75 31.23 -4.09
N ILE B 71 1.30 30.73 -5.19
CA ILE B 71 2.65 30.17 -5.14
C ILE B 71 3.65 31.26 -4.74
N GLU B 72 3.47 32.46 -5.30
CA GLU B 72 4.33 33.58 -4.97
C GLU B 72 4.22 33.92 -3.49
N GLN B 73 2.99 33.89 -2.98
CA GLN B 73 2.73 34.23 -1.58
C GLN B 73 3.31 33.19 -0.62
N LEU B 74 3.02 31.91 -0.86
CA LEU B 74 3.59 30.83 -0.07
C LEU B 74 5.11 30.91 -0.06
N SER B 75 5.66 31.09 -1.26
CA SER B 75 7.10 31.16 -1.45
C SER B 75 7.77 32.23 -0.57
N GLU B 76 7.12 33.37 -0.39
CA GLU B 76 7.76 34.43 0.39
C GLU B 76 7.47 34.28 1.89
N ASP B 77 6.37 33.59 2.19
CA ASP B 77 5.97 33.31 3.56
C ASP B 77 6.90 32.27 4.17
N LEU B 78 7.63 31.56 3.32
CA LEU B 78 8.41 30.40 3.75
C LEU B 78 9.47 30.76 4.81
N ALA B 79 10.26 31.80 4.54
CA ALA B 79 11.40 32.14 5.38
C ALA B 79 11.02 32.46 6.83
N GLY B 80 9.83 33.00 7.05
CA GLY B 80 9.43 33.40 8.39
C GLY B 80 8.35 32.53 9.00
N ASN B 81 7.74 31.69 8.17
CA ASN B 81 6.59 30.88 8.56
C ASN B 81 6.79 29.41 8.18
N SER B 82 7.98 28.88 8.42
CA SER B 82 8.28 27.54 7.94
C SER B 82 7.76 26.44 8.88
N LYS B 83 7.60 26.75 10.16
CA LYS B 83 6.98 25.80 11.06
C LYS B 83 5.56 25.51 10.59
N ALA B 84 4.82 26.57 10.27
CA ALA B 84 3.45 26.46 9.79
C ALA B 84 3.40 25.70 8.48
N LEU B 85 4.42 25.86 7.66
CA LEU B 85 4.46 25.17 6.38
C LEU B 85 4.51 23.66 6.63
N VAL B 86 5.40 23.22 7.53
CA VAL B 86 5.49 21.79 7.85
C VAL B 86 4.18 21.29 8.48
N CYS B 87 3.58 22.09 9.36
CA CYS B 87 2.31 21.74 9.98
C CYS B 87 1.19 21.60 8.95
N ASN B 88 1.35 22.25 7.79
CA ASN B 88 0.32 22.22 6.75
C ASN B 88 0.81 21.59 5.46
N LEU B 89 1.98 20.97 5.53
CA LEU B 89 2.63 20.45 4.34
C LEU B 89 1.71 19.57 3.50
N ASP B 90 0.95 18.69 4.16
CA ASP B 90 0.11 17.76 3.40
C ASP B 90 -0.92 18.50 2.54
N LEU B 91 -1.53 19.56 3.08
CA LEU B 91 -2.49 20.39 2.31
C LEU B 91 -1.84 21.09 1.12
N ILE B 92 -0.63 21.59 1.33
CA ILE B 92 0.09 22.30 0.29
C ILE B 92 0.50 21.37 -0.84
N LEU B 93 1.01 20.19 -0.50
CA LEU B 93 1.37 19.22 -1.53
C LEU B 93 0.13 18.83 -2.37
N LYS B 94 -0.99 18.57 -1.70
CA LYS B 94 -2.19 18.14 -2.39
C LYS B 94 -2.67 19.23 -3.35
N TRP B 95 -2.60 20.48 -2.91
CA TRP B 95 -3.02 21.58 -3.78
C TRP B 95 -2.14 21.60 -5.03
N LEU B 96 -0.82 21.44 -4.84
CA LEU B 96 0.11 21.42 -5.97
C LEU B 96 -0.15 20.25 -6.91
N THR B 97 -0.53 19.08 -6.38
CA THR B 97 -0.81 17.96 -7.26
C THR B 97 -1.99 18.33 -8.19
N LEU B 98 -2.90 19.15 -7.70
CA LEU B 98 -4.02 19.61 -8.54
C LEU B 98 -3.47 20.36 -9.74
N ARG B 99 -2.45 21.19 -9.50
CA ARG B 99 -1.86 21.99 -10.55
C ARG B 99 -1.06 21.18 -11.57
N PHE B 100 -0.71 19.94 -11.24
CA PHE B 100 0.01 19.09 -12.19
C PHE B 100 -0.89 18.63 -13.33
N TYR B 101 -2.19 18.92 -13.23
CA TYR B 101 -3.15 18.50 -14.24
C TYR B 101 -3.64 19.67 -15.07
N ASP B 102 -3.42 20.88 -14.58
CA ASP B 102 -3.71 22.08 -15.36
C ASP B 102 -2.75 22.20 -16.54
N THR B 103 -3.07 23.11 -17.44
CA THR B 103 -2.34 23.24 -18.70
C THR B 103 -1.08 24.10 -18.55
N ASN B 104 -1.18 25.13 -17.71
CA ASN B 104 -0.26 26.25 -17.77
C ASN B 104 1.16 25.92 -17.31
N PRO B 105 2.11 25.97 -18.25
CA PRO B 105 3.53 25.70 -17.96
C PRO B 105 4.11 26.68 -16.96
N SER B 106 3.58 27.90 -16.90
CA SER B 106 4.07 28.89 -15.96
C SER B 106 3.75 28.50 -14.50
N VAL B 107 2.58 27.91 -14.29
CA VAL B 107 2.20 27.45 -12.95
C VAL B 107 3.08 26.29 -12.53
N LEU B 108 3.27 25.34 -13.44
CA LEU B 108 4.14 24.17 -13.24
C LEU B 108 5.53 24.56 -12.77
N ILE B 109 6.19 25.41 -13.55
CA ILE B 109 7.58 25.82 -13.28
C ILE B 109 7.71 26.55 -11.94
N LYS B 110 6.82 27.49 -11.67
CA LYS B 110 6.90 28.23 -10.42
C LYS B 110 6.58 27.31 -9.24
N GLY B 111 5.64 26.39 -9.45
CA GLY B 111 5.28 25.44 -8.42
C GLY B 111 6.47 24.54 -8.08
N LEU B 112 7.17 24.08 -9.11
CA LEU B 112 8.34 23.22 -8.91
C LEU B 112 9.46 23.98 -8.21
N GLU B 113 9.67 25.25 -8.59
CA GLU B 113 10.67 26.06 -7.91
C GLU B 113 10.32 26.25 -6.44
N TYR B 114 9.06 26.49 -6.15
CA TYR B 114 8.62 26.57 -4.76
C TYR B 114 8.83 25.23 -4.03
N LEU B 115 8.56 24.13 -4.74
CA LEU B 115 8.71 22.80 -4.15
C LEU B 115 10.16 22.51 -3.76
N VAL B 116 11.11 22.87 -4.63
CA VAL B 116 12.53 22.74 -4.28
C VAL B 116 12.84 23.50 -2.98
N GLN B 117 12.25 24.68 -2.82
CA GLN B 117 12.40 25.46 -1.60
C GLN B 117 11.79 24.76 -0.39
N VAL B 118 10.56 24.26 -0.57
CA VAL B 118 9.85 23.59 0.51
C VAL B 118 10.65 22.38 0.99
N PHE B 119 11.11 21.57 0.05
CA PHE B 119 11.78 20.34 0.42
C PHE B 119 13.14 20.65 1.04
N GLN B 120 13.72 21.80 0.70
CA GLN B 120 14.97 22.21 1.35
C GLN B 120 14.72 22.46 2.81
N VAL B 121 13.60 23.13 3.10
CA VAL B 121 13.20 23.38 4.48
C VAL B 121 12.99 22.06 5.22
N LEU B 122 12.28 21.13 4.59
CA LEU B 122 12.05 19.81 5.19
C LEU B 122 13.38 19.15 5.58
N ILE B 123 14.25 19.02 4.59
CA ILE B 123 15.60 18.48 4.80
C ILE B 123 16.34 19.18 5.96
N ASP B 124 16.40 20.52 5.94
CA ASP B 124 17.10 21.28 6.99
C ASP B 124 16.48 21.09 8.36
N GLU B 125 15.16 21.01 8.42
CA GLU B 125 14.47 20.82 9.70
C GLU B 125 14.54 19.34 10.13
N GLU B 126 15.15 18.50 9.29
CA GLU B 126 15.19 17.06 9.47
C GLU B 126 13.78 16.44 9.59
N TYR B 127 12.86 16.91 8.75
CA TYR B 127 11.52 16.34 8.69
C TYR B 127 11.47 15.05 7.87
N ILE B 128 10.68 14.10 8.32
CA ILE B 128 10.43 12.91 7.54
C ILE B 128 8.97 12.94 7.04
N LEU B 129 8.77 12.83 5.73
CA LEU B 129 7.43 12.81 5.16
C LEU B 129 6.60 11.70 5.78
N ALA B 130 5.37 12.02 6.18
CA ALA B 130 4.42 10.96 6.54
C ALA B 130 4.18 10.08 5.32
N GLU B 131 3.87 8.81 5.55
CA GLU B 131 3.56 7.93 4.44
C GLU B 131 2.46 8.54 3.56
N ASN B 132 1.46 9.14 4.18
CA ASN B 132 0.35 9.76 3.44
C ASN B 132 0.81 10.89 2.54
N GLU B 133 1.77 11.68 3.04
CA GLU B 133 2.29 12.81 2.27
C GLU B 133 3.08 12.34 1.05
N GLY B 134 3.93 11.33 1.23
CA GLY B 134 4.64 10.77 0.09
C GLY B 134 3.73 10.18 -0.98
N SER B 135 2.80 9.34 -0.55
CA SER B 135 1.88 8.65 -1.45
C SER B 135 0.90 9.60 -2.14
N SER B 136 0.48 10.65 -1.46
CA SER B 136 -0.46 11.61 -2.07
C SER B 136 0.23 12.51 -3.09
N PHE B 137 1.56 12.60 -3.02
CA PHE B 137 2.29 13.57 -3.81
C PHE B 137 3.17 12.98 -4.92
N VAL B 138 4.04 12.05 -4.57
CA VAL B 138 5.03 11.57 -5.52
C VAL B 138 4.45 10.96 -6.82
N PRO B 139 3.40 10.12 -6.72
CA PRO B 139 2.86 9.59 -7.99
C PRO B 139 2.39 10.70 -8.95
N HIS B 140 1.88 11.80 -8.42
CA HIS B 140 1.43 12.90 -9.29
C HIS B 140 2.60 13.72 -9.82
N LEU B 141 3.64 13.90 -8.99
CA LEU B 141 4.84 14.60 -9.42
C LEU B 141 5.49 13.86 -10.60
N LEU B 142 5.55 12.54 -10.49
CA LEU B 142 6.17 11.68 -11.49
C LEU B 142 5.53 11.73 -12.86
N LEU B 143 4.26 12.15 -12.94
CA LEU B 143 3.57 12.28 -14.22
C LEU B 143 4.25 13.29 -15.15
N LYS B 144 4.98 14.22 -14.57
CA LYS B 144 5.52 15.33 -15.33
C LYS B 144 6.99 15.17 -15.67
N ILE B 145 7.58 14.03 -15.31
CA ILE B 145 8.99 13.82 -15.56
C ILE B 145 9.27 13.61 -17.05
N GLY B 146 8.26 13.14 -17.78
CA GLY B 146 8.37 12.97 -19.22
C GLY B 146 7.65 14.08 -19.98
N ASP B 147 7.66 15.28 -19.40
CA ASP B 147 6.97 16.42 -19.98
C ASP B 147 7.75 16.96 -21.17
N PRO B 148 7.05 17.30 -22.27
CA PRO B 148 7.64 17.92 -23.45
C PRO B 148 8.65 19.02 -23.12
N LYS B 149 8.29 19.88 -22.17
CA LYS B 149 9.11 21.04 -21.85
C LYS B 149 10.31 20.67 -20.98
N ASP B 150 11.42 21.33 -21.27
CA ASP B 150 12.72 21.04 -20.69
C ASP B 150 12.80 21.42 -19.21
N ALA B 151 12.25 22.59 -18.87
CA ALA B 151 12.37 23.11 -17.50
C ALA B 151 11.50 22.34 -16.51
N VAL B 152 10.49 21.66 -17.02
CA VAL B 152 9.61 20.84 -16.20
C VAL B 152 10.31 19.55 -15.76
N ARG B 153 10.82 18.80 -16.72
CA ARG B 153 11.53 17.54 -16.46
C ARG B 153 12.64 17.73 -15.43
N ASN B 154 13.34 18.85 -15.52
CA ASN B 154 14.46 19.09 -14.62
C ASN B 154 14.03 19.60 -13.25
N GLY B 155 12.90 20.30 -13.22
CA GLY B 155 12.31 20.69 -11.95
C GLY B 155 11.77 19.48 -11.20
N VAL B 156 11.06 18.61 -11.93
CA VAL B 156 10.54 17.37 -11.34
C VAL B 156 11.67 16.51 -10.77
N ARG B 157 12.71 16.30 -11.57
CA ARG B 157 13.83 15.46 -11.19
C ARG B 157 14.56 16.04 -9.97
N ARG B 158 14.71 17.36 -9.95
CA ARG B 158 15.27 18.05 -8.80
C ARG B 158 14.47 17.77 -7.51
N VAL B 159 13.15 17.91 -7.60
CA VAL B 159 12.29 17.66 -6.44
C VAL B 159 12.34 16.16 -6.05
N LEU B 160 12.37 15.30 -7.05
CA LEU B 160 12.36 13.87 -6.80
C LEU B 160 13.62 13.51 -6.00
N ARG B 161 14.72 14.18 -6.29
CA ARG B 161 15.97 13.79 -5.64
C ARG B 161 16.10 14.44 -4.27
N GLN B 162 15.20 15.36 -3.96
CA GLN B 162 15.04 15.84 -2.58
C GLN B 162 14.12 14.94 -1.77
N VAL B 163 13.06 14.44 -2.43
CA VAL B 163 12.07 13.55 -1.80
C VAL B 163 12.78 12.33 -1.22
N ILE B 164 13.68 11.73 -1.99
CA ILE B 164 14.40 10.55 -1.49
C ILE B 164 15.23 10.80 -0.23
N LEU B 165 15.49 12.06 0.12
CA LEU B 165 16.18 12.33 1.38
C LEU B 165 15.24 12.38 2.58
N VAL B 166 13.94 12.50 2.33
CA VAL B 166 12.99 12.61 3.44
C VAL B 166 11.82 11.64 3.30
N PHE B 167 11.94 10.69 2.38
CA PHE B 167 10.90 9.67 2.14
C PHE B 167 11.60 8.41 1.62
N PRO B 168 11.16 7.21 2.05
CA PRO B 168 11.91 5.98 1.71
C PRO B 168 12.23 5.80 0.22
N PHE B 169 13.52 5.65 -0.08
CA PHE B 169 13.96 5.55 -1.46
C PHE B 169 13.39 4.28 -2.11
N VAL B 170 13.14 3.26 -1.30
CA VAL B 170 12.51 2.04 -1.79
C VAL B 170 11.14 2.35 -2.37
N LYS B 171 10.38 3.22 -1.71
CA LYS B 171 9.03 3.54 -2.15
C LYS B 171 9.02 4.41 -3.40
N VAL B 172 9.97 5.34 -3.46
CA VAL B 172 10.12 6.19 -4.63
C VAL B 172 10.41 5.32 -5.86
N PHE B 173 11.30 4.33 -5.70
CA PHE B 173 11.61 3.35 -6.75
C PHE B 173 10.33 2.68 -7.25
N GLY B 174 9.49 2.26 -6.31
CA GLY B 174 8.22 1.65 -6.68
C GLY B 174 7.37 2.60 -7.49
N TYR B 175 7.34 3.86 -7.06
CA TYR B 175 6.55 4.85 -7.77
C TYR B 175 7.08 5.06 -9.18
N VAL B 176 8.40 5.21 -9.30
CA VAL B 176 9.02 5.43 -10.60
C VAL B 176 8.74 4.26 -11.53
N MET B 177 8.83 3.04 -11.00
CA MET B 177 8.55 1.81 -11.74
C MET B 177 7.21 1.88 -12.48
N GLU B 178 6.22 2.50 -11.84
CA GLU B 178 4.88 2.60 -12.42
C GLU B 178 4.88 3.39 -13.73
N GLY B 179 5.87 4.27 -13.89
CA GLY B 179 6.00 5.07 -15.10
C GLY B 179 6.32 4.26 -16.34
N LEU B 180 6.79 3.03 -16.16
CA LEU B 180 7.08 2.14 -17.27
C LEU B 180 5.81 1.71 -17.98
N LYS B 181 4.67 1.90 -17.29
CA LYS B 181 3.34 1.58 -17.83
C LYS B 181 2.80 2.61 -18.82
N SER B 182 3.35 3.83 -18.80
CA SER B 182 2.75 4.96 -19.50
C SER B 182 2.85 4.81 -21.02
N LYS B 183 1.81 5.26 -21.72
CA LYS B 183 1.78 5.22 -23.18
C LYS B 183 2.81 6.19 -23.74
N ASN B 184 3.10 7.23 -22.95
CA ASN B 184 4.09 8.24 -23.33
C ASN B 184 5.51 7.69 -23.32
N ALA B 185 6.18 7.80 -24.46
CA ALA B 185 7.51 7.23 -24.64
C ALA B 185 8.58 8.00 -23.85
N ARG B 186 8.42 9.31 -23.74
CA ARG B 186 9.38 10.13 -23.01
C ARG B 186 9.26 9.85 -21.52
N GLN B 187 8.04 9.57 -21.07
CA GLN B 187 7.80 9.23 -19.68
C GLN B 187 8.58 7.98 -19.28
N ARG B 188 8.52 6.96 -20.15
CA ARG B 188 9.18 5.69 -19.89
C ARG B 188 10.70 5.85 -19.91
N THR B 189 11.21 6.57 -20.91
CA THR B 189 12.64 6.85 -21.00
C THR B 189 13.16 7.56 -19.75
N GLU B 190 12.47 8.62 -19.34
CA GLU B 190 12.91 9.38 -18.17
C GLU B 190 12.74 8.55 -16.90
N CYS B 191 11.69 7.72 -16.85
CA CYS B 191 11.51 6.82 -15.72
C CYS B 191 12.60 5.74 -15.70
N LEU B 192 12.97 5.25 -16.87
CA LEU B 192 14.05 4.28 -16.97
C LEU B 192 15.38 4.89 -16.53
N ASP B 193 15.63 6.11 -16.99
CA ASP B 193 16.85 6.82 -16.61
C ASP B 193 16.89 7.05 -15.11
N GLU B 194 15.72 7.35 -14.53
CA GLU B 194 15.67 7.59 -13.09
C GLU B 194 15.89 6.31 -12.30
N LEU B 195 15.29 5.21 -12.77
CA LEU B 195 15.52 3.91 -12.14
C LEU B 195 17.03 3.60 -12.10
N THR B 196 17.73 3.88 -13.20
CA THR B 196 19.18 3.66 -13.26
C THR B 196 19.93 4.49 -12.23
N PHE B 197 19.55 5.76 -12.08
CA PHE B 197 20.14 6.65 -11.08
C PHE B 197 19.98 6.07 -9.69
N LEU B 198 18.80 5.52 -9.41
CA LEU B 198 18.49 5.03 -8.07
C LEU B 198 19.27 3.75 -7.80
N ILE B 199 19.42 2.92 -8.83
CA ILE B 199 20.18 1.69 -8.68
C ILE B 199 21.66 2.05 -8.48
N GLU B 200 22.16 3.02 -9.25
CA GLU B 200 23.54 3.48 -9.08
C GLU B 200 23.77 4.03 -7.67
N SER B 201 22.73 4.63 -7.09
CA SER B 201 22.86 5.39 -5.85
C SER B 201 22.66 4.54 -4.62
N TYR B 202 21.75 3.57 -4.71
CA TYR B 202 21.31 2.85 -3.52
C TYR B 202 21.64 1.37 -3.58
N GLY B 203 21.99 0.89 -4.76
CA GLY B 203 22.40 -0.50 -4.90
C GLY B 203 21.21 -1.39 -5.14
N MET B 204 21.46 -2.69 -5.16
CA MET B 204 20.42 -3.65 -5.54
C MET B 204 19.42 -3.89 -4.42
N ASN B 205 19.73 -3.39 -3.22
CA ASN B 205 18.75 -3.33 -2.14
C ASN B 205 17.44 -2.66 -2.61
N ILE B 206 17.57 -1.66 -3.46
CA ILE B 206 16.42 -0.87 -3.93
C ILE B 206 15.67 -1.56 -5.08
N CYS B 207 16.25 -2.61 -5.63
CA CYS B 207 15.70 -3.17 -6.87
C CYS B 207 15.41 -4.67 -6.78
N PRO B 208 14.12 -5.03 -6.62
CA PRO B 208 13.65 -6.41 -6.59
C PRO B 208 13.90 -7.11 -7.92
N GLN B 209 14.05 -8.43 -7.93
CA GLN B 209 14.27 -9.16 -9.18
C GLN B 209 13.08 -8.97 -10.12
N SER B 210 11.88 -8.91 -9.52
CA SER B 210 10.66 -8.65 -10.29
C SER B 210 10.79 -7.35 -11.06
N ALA B 211 11.46 -6.37 -10.46
CA ALA B 211 11.67 -5.09 -11.11
C ALA B 211 12.60 -5.25 -12.31
N VAL B 212 13.69 -6.00 -12.13
CA VAL B 212 14.64 -6.23 -13.20
C VAL B 212 13.95 -6.81 -14.43
N ARG B 213 13.04 -7.77 -14.22
CA ARG B 213 12.22 -8.31 -15.31
C ARG B 213 11.41 -7.21 -16.00
N GLU B 214 10.86 -6.31 -15.19
CA GLU B 214 10.02 -5.24 -15.71
C GLU B 214 10.84 -4.26 -16.54
N ILE B 215 12.05 -3.98 -16.07
CA ILE B 215 12.97 -3.12 -16.79
C ILE B 215 13.43 -3.79 -18.08
N ALA B 216 13.73 -5.09 -17.99
CA ALA B 216 14.19 -5.87 -19.13
C ALA B 216 13.14 -5.95 -20.25
N ARG B 217 11.87 -6.07 -19.87
CA ARG B 217 10.81 -6.10 -20.86
C ARG B 217 10.84 -4.85 -21.75
N GLN B 218 11.28 -3.73 -21.18
CA GLN B 218 11.30 -2.46 -21.89
C GLN B 218 12.36 -2.41 -23.01
N ILE B 219 13.32 -3.33 -22.95
CA ILE B 219 14.41 -3.36 -23.91
C ILE B 219 13.91 -3.54 -25.35
N SER B 220 12.88 -4.36 -25.52
CA SER B 220 12.33 -4.62 -26.85
C SER B 220 11.24 -3.61 -27.19
N ASP B 221 11.60 -2.33 -27.14
CA ASP B 221 10.67 -1.26 -27.49
C ASP B 221 11.01 -0.78 -28.90
N ARG B 222 10.15 0.08 -29.46
CA ARG B 222 10.38 0.58 -30.80
C ARG B 222 11.18 1.88 -30.76
N ASP B 223 10.86 2.75 -29.80
CA ASP B 223 11.55 4.02 -29.68
C ASP B 223 13.00 3.81 -29.25
N ASN B 224 13.91 4.40 -30.01
CA ASN B 224 15.35 4.28 -29.76
C ASN B 224 15.73 4.61 -28.33
N SER B 225 15.10 5.67 -27.81
CA SER B 225 15.49 6.22 -26.52
C SER B 225 15.08 5.34 -25.33
N VAL B 226 13.93 4.69 -25.39
CA VAL B 226 13.49 3.92 -24.22
C VAL B 226 14.20 2.56 -24.20
N ARG B 227 14.47 1.94 -25.35
CA ARG B 227 15.27 0.73 -25.32
C ARG B 227 16.67 1.05 -24.81
N ASN B 228 17.22 2.17 -25.28
CA ASN B 228 18.55 2.60 -24.86
C ASN B 228 18.61 2.82 -23.35
N ALA B 229 17.59 3.48 -22.82
CA ALA B 229 17.49 3.73 -21.39
C ALA B 229 17.37 2.40 -20.63
N ALA B 230 16.60 1.47 -21.21
CA ALA B 230 16.39 0.17 -20.60
C ALA B 230 17.68 -0.63 -20.57
N LEU B 231 18.36 -0.69 -21.72
CA LEU B 231 19.62 -1.40 -21.81
C LEU B 231 20.66 -0.76 -20.90
N ASN B 232 20.66 0.56 -20.83
CA ASN B 232 21.52 1.28 -19.90
C ASN B 232 21.27 0.88 -18.45
N CYS B 233 20.00 0.65 -18.12
CA CYS B 233 19.62 0.29 -16.75
C CYS B 233 20.11 -1.11 -16.39
N ILE B 234 19.79 -2.07 -17.26
CA ILE B 234 20.21 -3.46 -17.04
C ILE B 234 21.71 -3.59 -16.88
N VAL B 235 22.45 -2.83 -17.69
CA VAL B 235 23.91 -2.78 -17.57
C VAL B 235 24.32 -2.46 -16.15
N GLN B 236 23.67 -1.45 -15.57
CA GLN B 236 23.97 -1.03 -14.22
C GLN B 236 23.64 -2.15 -13.24
N VAL B 237 22.57 -2.87 -13.51
CA VAL B 237 22.19 -4.01 -12.71
C VAL B 237 23.28 -5.10 -12.79
N PHE B 238 23.82 -5.31 -13.99
CA PHE B 238 24.89 -6.27 -14.21
C PHE B 238 26.11 -5.93 -13.37
N PHE B 239 26.53 -4.68 -13.42
CA PHE B 239 27.70 -4.21 -12.66
C PHE B 239 27.63 -4.55 -11.17
N LEU B 240 26.42 -4.68 -10.66
CA LEU B 240 26.20 -4.94 -9.25
C LEU B 240 25.86 -6.39 -8.95
N SER B 241 25.29 -7.08 -9.92
CA SER B 241 24.69 -8.39 -9.66
C SER B 241 25.44 -9.53 -10.35
N GLY B 242 26.40 -9.18 -11.19
CA GLY B 242 27.18 -10.17 -11.91
C GLY B 242 26.33 -10.91 -12.93
N GLU B 243 26.64 -12.18 -13.13
CA GLU B 243 25.97 -12.95 -14.17
C GLU B 243 24.65 -13.57 -13.70
N LYS B 244 24.24 -13.28 -12.47
CA LYS B 244 22.90 -13.72 -12.04
C LYS B 244 21.86 -12.96 -12.85
N THR B 245 22.27 -11.80 -13.36
CA THR B 245 21.38 -10.86 -14.04
C THR B 245 20.59 -11.51 -15.18
N TYR B 246 21.23 -12.41 -15.93
CA TYR B 246 20.56 -13.02 -17.07
C TYR B 246 19.39 -13.90 -16.67
N LYS B 247 19.47 -14.49 -15.46
CA LYS B 247 18.37 -15.28 -14.97
C LYS B 247 17.30 -14.36 -14.38
N MET B 248 17.75 -13.26 -13.80
CA MET B 248 16.85 -12.25 -13.24
C MET B 248 16.10 -11.50 -14.34
N ILE B 249 16.75 -11.36 -15.50
CA ILE B 249 16.18 -10.59 -16.61
C ILE B 249 14.95 -11.27 -17.21
N GLY B 250 14.97 -12.59 -17.21
CA GLY B 250 13.88 -13.34 -17.81
C GLY B 250 14.33 -13.97 -19.10
#